data_8F9P
#
_entry.id   8F9P
#
_cell.length_a   109.045
_cell.length_b   111.085
_cell.length_c   124.198
_cell.angle_alpha   90.000
_cell.angle_beta   90.000
_cell.angle_gamma   90.000
#
_symmetry.space_group_name_H-M   'I 2 2 2'
#
loop_
_entity.id
_entity.type
_entity.pdbx_description
1 polymer 'Sialic acid acetylesterase'
2 branched 2-acetamido-2-deoxy-beta-D-glucopyranose-(1-4)-2-acetamido-2-deoxy-beta-D-glucopyranose
3 non-polymer 2-acetamido-2-deoxy-beta-D-glucopyranose
4 non-polymer 'ACETATE ION'
5 non-polymer 'TETRAETHYLENE GLYCOL'
6 water water
#
_entity_poly.entity_id   1
_entity_poly.type   'polypeptide(L)'
_entity_poly.pdbx_seq_one_letter_code
;DRHHHHHHKLVGFRFASYINNYMVLQKEPAGAVIWGYGTSEATVTVTLYRDQETIMEKVTSVKAHSNSWMVVLDPMKPGG
PYEVMAQQTFGKTNFTLRVHDVLFGDVWLCSGQANMQMTVSQIFNATRELANTAAYQSVRIFSVSLIQAEQELEDLAKVD
LQWAKPTTENLGHGIFQYMSAVCWLFGRNLYDTLQYPIGLISSSWGGTPIEAWSSERSLKACGVPTQGFTQSNSVTGPSN
HSVLWNAMIHPLHNMTLKGVIWYQGESNMNFNRDLYNCTFPALIEDWRQTFHHGSQGQTERFFPFGFVQLSSYLSAPSDD
TFPQIRWHQTADFGYVPNLRMPNTFMAVAMDLCDRKSPFGSIHPRDKQTVAYRLHLGARAVAYGEKVIFQGPLPEKMELL
ADKGLLNLMYSQEIQVQRQDKIFEISCCSDHQCKWLPAPMDAFSAQTLTLSTGSCHGTLAAVRYAWATWPCEYKQCPIYH
PSSTLPAPPFIAFMTN
;
_entity_poly.pdbx_strand_id   A
#
loop_
_chem_comp.id
_chem_comp.type
_chem_comp.name
_chem_comp.formula
ACT non-polymer 'ACETATE ION' 'C2 H3 O2 -1'
NAG D-saccharide, beta linking 2-acetamido-2-deoxy-beta-D-glucopyranose 'C8 H15 N O6'
PG4 non-polymer 'TETRAETHYLENE GLYCOL' 'C8 H18 O5'
#
# COMPACT_ATOMS: atom_id res chain seq x y z
N LYS A 9 -4.55 29.76 -5.60
CA LYS A 9 -4.98 29.47 -6.96
C LYS A 9 -5.07 30.75 -7.79
N LEU A 10 -5.14 31.90 -7.13
CA LEU A 10 -5.10 33.18 -7.82
C LEU A 10 -3.69 33.73 -7.98
N VAL A 11 -2.70 33.10 -7.35
CA VAL A 11 -1.31 33.52 -7.48
C VAL A 11 -0.74 32.92 -8.75
N GLY A 12 -0.30 33.80 -9.67
CA GLY A 12 0.11 33.32 -10.99
C GLY A 12 1.33 32.42 -10.94
N PHE A 13 2.37 32.83 -10.23
CA PHE A 13 3.62 32.08 -10.14
C PHE A 13 3.65 31.36 -8.79
N ARG A 14 3.59 30.03 -8.84
CA ARG A 14 3.55 29.26 -7.61
C ARG A 14 4.03 27.84 -7.86
N PHE A 15 4.46 27.19 -6.79
CA PHE A 15 4.80 25.78 -6.86
C PHE A 15 3.54 24.92 -6.90
N ALA A 16 3.66 23.72 -7.45
CA ALA A 16 2.65 22.69 -7.28
C ALA A 16 2.47 22.38 -5.79
N SER A 17 1.32 21.79 -5.47
CA SER A 17 0.93 21.66 -4.07
CA SER A 17 0.88 21.60 -4.09
C SER A 17 1.74 20.61 -3.30
N TYR A 18 2.48 19.74 -3.98
CA TYR A 18 3.31 18.78 -3.25
C TYR A 18 4.62 19.41 -2.78
N ILE A 19 4.89 20.65 -3.15
CA ILE A 19 6.15 21.31 -2.82
C ILE A 19 5.91 22.27 -1.66
N ASN A 20 6.68 22.11 -0.59
CA ASN A 20 6.58 23.03 0.54
C ASN A 20 7.82 22.92 1.41
N ASN A 21 7.92 23.85 2.36
CA ASN A 21 8.93 23.74 3.41
C ASN A 21 8.84 22.35 4.05
N TYR A 22 10.00 21.81 4.43
CA TYR A 22 10.15 20.56 5.17
C TYR A 22 9.94 19.32 4.33
N MET A 23 9.75 19.46 3.02
CA MET A 23 9.46 18.30 2.20
C MET A 23 10.68 17.41 2.00
N VAL A 24 10.41 16.20 1.53
CA VAL A 24 11.42 15.29 1.03
C VAL A 24 11.23 15.15 -0.47
N LEU A 25 12.33 15.28 -1.23
CA LEU A 25 12.41 15.00 -2.65
C LEU A 25 13.14 13.70 -2.88
N GLN A 26 12.78 13.00 -3.95
CA GLN A 26 13.38 11.69 -4.21
C GLN A 26 14.87 11.83 -4.54
N LYS A 27 15.66 10.93 -3.96
CA LYS A 27 17.10 10.88 -4.08
C LYS A 27 17.55 10.14 -5.34
N GLU A 28 18.87 10.20 -5.58
CA GLU A 28 19.57 9.47 -6.64
C GLU A 28 19.20 8.00 -6.60
N PRO A 29 19.19 7.31 -7.74
CA PRO A 29 19.64 7.77 -9.07
C PRO A 29 18.61 8.59 -9.84
N ALA A 30 17.40 8.73 -9.29
CA ALA A 30 16.39 9.56 -9.90
C ALA A 30 16.74 11.03 -9.75
N GLY A 31 16.21 11.83 -10.67
CA GLY A 31 16.14 13.27 -10.49
C GLY A 31 14.76 13.65 -9.98
N ALA A 32 14.74 14.64 -9.10
CA ALA A 32 13.50 15.11 -8.52
C ALA A 32 12.84 16.13 -9.45
N VAL A 33 11.57 15.92 -9.74
CA VAL A 33 10.79 16.87 -10.53
C VAL A 33 10.33 18.01 -9.63
N ILE A 34 10.48 19.23 -10.14
CA ILE A 34 9.94 20.45 -9.54
C ILE A 34 9.05 21.10 -10.59
N TRP A 35 7.78 21.30 -10.27
CA TRP A 35 6.90 21.96 -11.24
C TRP A 35 5.95 22.92 -10.55
N GLY A 36 5.41 23.82 -11.35
CA GLY A 36 4.48 24.80 -10.84
C GLY A 36 3.80 25.54 -11.95
N TYR A 37 3.21 26.67 -11.58
CA TYR A 37 2.47 27.53 -12.50
C TYR A 37 3.20 28.86 -12.64
N GLY A 38 2.98 29.50 -13.78
CA GLY A 38 3.52 30.81 -14.02
C GLY A 38 2.92 31.43 -15.25
N THR A 39 3.54 32.53 -15.68
CA THR A 39 3.03 33.32 -16.78
C THR A 39 3.56 32.76 -18.10
N SER A 40 2.63 32.48 -19.01
CA SER A 40 2.98 32.00 -20.34
C SER A 40 4.18 32.74 -20.91
N GLU A 41 5.14 31.97 -21.41
CA GLU A 41 6.36 32.43 -22.09
C GLU A 41 7.40 32.99 -21.13
N ALA A 42 7.10 33.08 -19.84
CA ALA A 42 8.10 33.53 -18.89
C ALA A 42 9.20 32.49 -18.74
N THR A 43 10.37 32.95 -18.33
CA THR A 43 11.50 32.08 -18.00
C THR A 43 11.45 31.77 -16.52
N VAL A 44 11.65 30.51 -16.16
CA VAL A 44 11.68 30.09 -14.77
C VAL A 44 13.03 29.44 -14.50
N THR A 45 13.74 29.96 -13.51
CA THR A 45 15.01 29.43 -13.08
C THR A 45 14.82 28.81 -11.69
N VAL A 46 15.16 27.52 -11.57
CA VAL A 46 15.04 26.79 -10.32
C VAL A 46 16.43 26.50 -9.81
N THR A 47 16.69 26.89 -8.56
CA THR A 47 18.01 26.75 -7.96
C THR A 47 17.90 25.96 -6.66
N LEU A 48 18.77 24.98 -6.51
CA LEU A 48 18.95 24.26 -5.25
C LEU A 48 20.13 24.88 -4.49
N TYR A 49 19.86 25.32 -3.27
CA TYR A 49 20.86 25.96 -2.44
C TYR A 49 21.17 25.12 -1.20
N ARG A 50 22.39 25.23 -0.73
CA ARG A 50 22.73 24.91 0.64
C ARG A 50 23.12 26.26 1.28
N ASP A 51 22.15 26.89 1.95
CA ASP A 51 22.29 28.25 2.46
C ASP A 51 22.61 29.17 1.28
N GLN A 52 23.81 29.73 1.21
CA GLN A 52 24.09 30.64 0.11
C GLN A 52 24.74 29.97 -1.09
N GLU A 53 25.14 28.71 -0.98
CA GLU A 53 25.87 28.05 -2.04
C GLU A 53 24.91 27.41 -3.03
N THR A 54 25.18 27.61 -4.32
CA THR A 54 24.38 27.02 -5.38
C THR A 54 24.83 25.59 -5.63
N ILE A 55 23.92 24.64 -5.46
CA ILE A 55 24.22 23.25 -5.77
C ILE A 55 23.95 22.94 -7.23
N MET A 56 22.82 23.42 -7.75
CA MET A 56 22.48 23.19 -9.15
C MET A 56 21.41 24.20 -9.53
N GLU A 57 21.27 24.40 -10.83
CA GLU A 57 20.33 25.35 -11.42
C GLU A 57 19.76 24.71 -12.68
N LYS A 58 18.46 24.85 -12.85
CA LYS A 58 17.76 24.37 -14.04
C LYS A 58 16.92 25.53 -14.55
N VAL A 59 16.91 25.71 -15.87
CA VAL A 59 16.17 26.80 -16.49
C VAL A 59 15.15 26.21 -17.45
N THR A 60 13.95 26.78 -17.46
CA THR A 60 12.91 26.37 -18.38
C THR A 60 12.04 27.58 -18.65
N SER A 61 11.00 27.39 -19.45
CA SER A 61 10.03 28.44 -19.70
CA SER A 61 10.03 28.45 -19.70
C SER A 61 8.64 27.88 -19.57
N VAL A 62 7.70 28.76 -19.32
CA VAL A 62 6.28 28.40 -19.30
C VAL A 62 5.81 28.29 -20.74
N LYS A 63 5.18 27.17 -21.08
CA LYS A 63 4.79 26.93 -22.46
C LYS A 63 3.73 27.93 -22.93
N ALA A 64 3.78 28.28 -24.22
CA ALA A 64 3.05 29.44 -24.72
C ALA A 64 1.52 29.28 -24.64
N HIS A 65 1.00 28.07 -24.72
CA HIS A 65 -0.45 27.86 -24.62
C HIS A 65 -0.85 27.12 -23.33
N SER A 66 0.05 27.06 -22.35
CA SER A 66 -0.25 26.50 -21.04
C SER A 66 0.40 27.40 -19.99
N ASN A 67 0.06 27.18 -18.72
CA ASN A 67 0.60 28.05 -17.67
C ASN A 67 1.41 27.27 -16.66
N SER A 68 1.96 26.13 -17.05
CA SER A 68 2.78 25.34 -16.15
C SER A 68 4.23 25.30 -16.62
N TRP A 69 5.10 25.01 -15.68
CA TRP A 69 6.53 24.87 -15.93
C TRP A 69 7.04 23.70 -15.11
N MET A 70 8.14 23.10 -15.58
CA MET A 70 8.71 21.92 -14.95
C MET A 70 10.20 21.86 -15.22
N VAL A 71 10.96 21.46 -14.20
CA VAL A 71 12.35 21.09 -14.36
C VAL A 71 12.56 19.75 -13.67
N VAL A 72 13.64 19.09 -14.04
CA VAL A 72 14.09 17.87 -13.37
C VAL A 72 15.46 18.15 -12.80
N LEU A 73 15.59 18.09 -11.48
CA LEU A 73 16.89 18.29 -10.87
C LEU A 73 17.82 17.12 -11.20
N ASP A 74 19.13 17.40 -11.16
CA ASP A 74 20.11 16.33 -11.24
C ASP A 74 20.00 15.45 -9.99
N PRO A 75 20.38 14.17 -10.09
CA PRO A 75 20.23 13.29 -8.93
C PRO A 75 21.05 13.77 -7.74
N MET A 76 20.47 13.57 -6.54
CA MET A 76 21.09 14.01 -5.31
C MET A 76 21.31 12.88 -4.31
N LYS A 77 22.46 12.93 -3.65
CA LYS A 77 22.68 12.09 -2.48
C LYS A 77 21.66 12.43 -1.40
N PRO A 78 21.23 11.44 -0.62
CA PRO A 78 20.24 11.70 0.42
C PRO A 78 20.82 12.54 1.55
N GLY A 79 19.95 13.34 2.15
CA GLY A 79 20.34 14.22 3.22
C GLY A 79 19.79 15.61 3.06
N GLY A 80 20.47 16.58 3.65
CA GLY A 80 20.01 17.95 3.68
C GLY A 80 20.35 18.57 5.02
N PRO A 81 19.78 19.73 5.30
CA PRO A 81 18.76 20.44 4.54
C PRO A 81 19.27 21.28 3.37
N TYR A 82 18.36 21.49 2.42
CA TYR A 82 18.55 22.36 1.27
C TYR A 82 17.39 23.34 1.21
N GLU A 83 17.54 24.34 0.36
CA GLU A 83 16.46 25.24 0.00
C GLU A 83 16.29 25.19 -1.51
N VAL A 84 15.05 25.26 -1.97
CA VAL A 84 14.74 25.34 -3.39
C VAL A 84 14.13 26.72 -3.64
N MET A 85 14.70 27.44 -4.59
CA MET A 85 14.13 28.70 -5.04
C MET A 85 13.74 28.60 -6.50
N ALA A 86 12.67 29.28 -6.86
CA ALA A 86 12.25 29.42 -8.25
C ALA A 86 12.04 30.91 -8.51
N GLN A 87 12.58 31.38 -9.62
CA GLN A 87 12.45 32.78 -9.99
C GLN A 87 11.85 32.86 -11.38
N GLN A 88 10.77 33.64 -11.50
CA GLN A 88 10.11 33.86 -12.78
C GLN A 88 10.58 35.21 -13.30
N THR A 89 11.11 35.23 -14.50
CA THR A 89 11.45 36.50 -15.13
C THR A 89 10.57 36.67 -16.35
N PHE A 90 9.87 37.81 -16.40
CA PHE A 90 8.91 38.10 -17.46
C PHE A 90 9.07 39.57 -17.76
N GLY A 91 9.67 39.88 -18.91
CA GLY A 91 10.01 41.26 -19.19
C GLY A 91 10.92 41.78 -18.10
N LYS A 92 10.52 42.87 -17.46
CA LYS A 92 11.29 43.50 -16.40
C LYS A 92 10.89 43.02 -15.02
N THR A 93 9.93 42.10 -14.91
CA THR A 93 9.45 41.67 -13.61
C THR A 93 10.19 40.43 -13.13
N ASN A 94 10.25 40.31 -11.82
CA ASN A 94 10.97 39.25 -11.13
C ASN A 94 10.08 38.83 -9.97
N PHE A 95 9.73 37.55 -9.91
CA PHE A 95 9.02 36.99 -8.77
C PHE A 95 9.78 35.77 -8.31
N THR A 96 9.87 35.58 -7.00
CA THR A 96 10.62 34.48 -6.44
C THR A 96 9.76 33.67 -5.47
N LEU A 97 10.07 32.37 -5.45
CA LEU A 97 9.48 31.41 -4.54
C LEU A 97 10.62 30.73 -3.80
N ARG A 98 10.38 30.33 -2.56
CA ARG A 98 11.40 29.68 -1.77
C ARG A 98 10.77 28.69 -0.80
N VAL A 99 11.36 27.50 -0.71
CA VAL A 99 11.03 26.54 0.32
C VAL A 99 12.34 26.11 0.97
N HIS A 100 12.29 25.84 2.27
CA HIS A 100 13.47 25.51 3.04
C HIS A 100 13.27 24.19 3.78
N ASP A 101 14.34 23.74 4.43
CA ASP A 101 14.37 22.47 5.16
C ASP A 101 13.98 21.32 4.26
N VAL A 102 14.43 21.39 3.02
CA VAL A 102 14.18 20.34 2.04
C VAL A 102 15.21 19.25 2.20
N LEU A 103 14.75 18.00 2.21
CA LEU A 103 15.62 16.84 2.27
C LEU A 103 15.48 16.01 1.00
N PHE A 104 16.53 15.24 0.70
CA PHE A 104 16.48 14.20 -0.32
C PHE A 104 16.52 12.84 0.33
N GLY A 105 15.64 11.96 -0.14
CA GLY A 105 15.54 10.63 0.42
C GLY A 105 14.53 9.81 -0.35
N ASP A 106 13.85 8.88 0.32
CA ASP A 106 12.83 8.06 -0.34
C ASP A 106 11.44 8.57 0.00
N VAL A 107 10.65 8.81 -1.04
CA VAL A 107 9.28 9.28 -0.93
C VAL A 107 8.35 8.11 -1.17
N TRP A 108 7.50 7.83 -0.18
CA TRP A 108 6.54 6.75 -0.25
C TRP A 108 5.14 7.34 -0.15
N LEU A 109 4.27 6.89 -1.04
CA LEU A 109 2.87 7.27 -1.08
C LEU A 109 2.06 6.15 -0.45
N CYS A 110 1.24 6.50 0.53
CA CYS A 110 0.44 5.55 1.28
C CYS A 110 -1.02 5.80 0.96
N SER A 111 -1.73 4.76 0.54
CA SER A 111 -3.09 5.00 0.09
C SER A 111 -3.98 3.82 0.45
N GLY A 112 -5.28 4.01 0.23
CA GLY A 112 -6.25 2.96 0.48
C GLY A 112 -7.49 3.46 1.19
N GLN A 113 -8.14 2.57 1.95
CA GLN A 113 -9.32 2.96 2.69
C GLN A 113 -8.98 3.04 4.19
N ALA A 114 -9.94 2.72 5.06
CA ALA A 114 -9.86 3.25 6.42
C ALA A 114 -8.71 2.69 7.26
N ASN A 115 -8.20 1.50 6.93
CA ASN A 115 -7.09 0.98 7.73
C ASN A 115 -5.76 1.58 7.33
N MET A 116 -5.69 2.29 6.21
CA MET A 116 -4.58 3.23 6.01
C MET A 116 -4.89 4.58 6.67
N GLN A 117 -6.16 4.99 6.67
CA GLN A 117 -6.51 6.31 7.21
C GLN A 117 -6.38 6.37 8.73
N MET A 118 -6.56 5.25 9.41
CA MET A 118 -6.46 5.20 10.87
C MET A 118 -5.15 5.81 11.33
N THR A 119 -5.22 6.67 12.35
CA THR A 119 -4.08 7.50 12.71
C THR A 119 -3.36 6.95 13.94
N VAL A 120 -2.20 7.56 14.25
CA VAL A 120 -1.38 7.07 15.35
C VAL A 120 -2.09 7.24 16.70
N SER A 121 -3.00 8.21 16.82
CA SER A 121 -3.70 8.36 18.09
C SER A 121 -4.74 7.27 18.31
N GLN A 122 -5.00 6.42 17.31
CA GLN A 122 -6.02 5.39 17.42
C GLN A 122 -5.47 4.00 17.73
N ILE A 123 -4.16 3.81 17.69
CA ILE A 123 -3.60 2.47 17.74
C ILE A 123 -3.24 2.06 19.16
N PHE A 124 -2.90 0.78 19.34
CA PHE A 124 -2.37 0.34 20.61
C PHE A 124 -1.15 1.17 20.99
N ASN A 125 -0.97 1.42 22.29
CA ASN A 125 0.29 2.02 22.76
C ASN A 125 0.43 3.45 22.23
N ALA A 126 -0.69 4.10 21.93
CA ALA A 126 -0.65 5.38 21.22
C ALA A 126 0.19 6.42 21.97
N THR A 127 0.03 6.54 23.29
CA THR A 127 0.74 7.58 24.00
C THR A 127 2.24 7.48 23.76
N ARG A 128 2.78 6.27 23.90
CA ARG A 128 4.21 6.08 23.71
C ARG A 128 4.61 6.21 22.24
N GLU A 129 3.76 5.74 21.32
CA GLU A 129 4.09 5.88 19.91
C GLU A 129 4.14 7.36 19.51
N LEU A 130 3.18 8.15 20.03
CA LEU A 130 3.14 9.58 19.69
C LEU A 130 4.36 10.31 20.24
N ALA A 131 4.96 9.80 21.31
CA ALA A 131 6.11 10.44 21.93
C ALA A 131 7.43 10.07 21.26
N ASN A 132 7.43 9.08 20.36
CA ASN A 132 8.66 8.55 19.79
C ASN A 132 8.91 9.24 18.44
N THR A 133 9.37 10.49 18.51
CA THR A 133 9.63 11.27 17.32
C THR A 133 11.00 11.92 17.26
N ALA A 134 11.73 11.98 18.38
CA ALA A 134 12.98 12.75 18.41
C ALA A 134 14.04 12.15 17.49
N ALA A 135 14.05 10.83 17.33
CA ALA A 135 15.02 10.18 16.47
C ALA A 135 14.59 10.18 15.01
N TYR A 136 13.41 10.70 14.69
CA TYR A 136 12.77 10.52 13.39
C TYR A 136 12.36 11.85 12.78
N GLN A 137 13.10 12.92 13.09
CA GLN A 137 12.75 14.23 12.57
C GLN A 137 12.96 14.31 11.07
N SER A 138 13.75 13.39 10.49
CA SER A 138 13.94 13.33 9.05
C SER A 138 12.96 12.38 8.36
N VAL A 139 11.94 11.90 9.08
CA VAL A 139 10.80 11.21 8.49
C VAL A 139 9.70 12.25 8.39
N ARG A 140 9.57 12.85 7.21
CA ARG A 140 8.66 13.99 7.03
C ARG A 140 7.32 13.49 6.53
N ILE A 141 6.25 14.16 6.97
CA ILE A 141 4.90 13.67 6.79
C ILE A 141 4.00 14.71 6.13
N PHE A 142 2.99 14.22 5.41
CA PHE A 142 2.11 14.98 4.52
C PHE A 142 0.82 14.18 4.40
N SER A 143 -0.32 14.86 4.45
CA SER A 143 -1.60 14.17 4.30
C SER A 143 -2.55 14.94 3.38
N VAL A 144 -3.05 14.24 2.37
CA VAL A 144 -3.93 14.79 1.36
C VAL A 144 -5.36 14.90 1.91
N SER A 145 -6.00 16.04 1.64
CA SER A 145 -7.40 16.24 2.04
C SER A 145 -8.32 15.31 1.27
N LEU A 146 -9.44 14.95 1.91
CA LEU A 146 -10.47 14.11 1.30
C LEU A 146 -11.27 14.96 0.31
N ILE A 147 -10.95 14.80 -0.97
CA ILE A 147 -11.58 15.54 -2.06
C ILE A 147 -11.87 14.54 -3.17
N GLN A 148 -13.03 14.66 -3.79
CA GLN A 148 -13.33 13.89 -4.98
C GLN A 148 -13.59 14.83 -6.13
N ALA A 149 -13.27 14.38 -7.34
CA ALA A 149 -13.45 15.20 -8.53
C ALA A 149 -13.88 14.35 -9.70
N GLU A 150 -14.73 14.93 -10.55
CA GLU A 150 -15.25 14.18 -11.68
C GLU A 150 -14.28 14.14 -12.85
N GLN A 151 -13.23 14.97 -12.81
CA GLN A 151 -12.15 14.93 -13.79
C GLN A 151 -10.81 14.96 -13.09
N GLU A 152 -9.80 14.41 -13.75
CA GLU A 152 -8.45 14.45 -13.20
C GLU A 152 -8.05 15.87 -12.89
N LEU A 153 -7.49 16.07 -11.69
CA LEU A 153 -6.95 17.36 -11.30
C LEU A 153 -5.44 17.40 -11.51
N GLU A 154 -4.96 18.54 -12.00
CA GLU A 154 -3.53 18.74 -12.19
C GLU A 154 -2.79 18.85 -10.86
N ASP A 155 -3.42 19.48 -9.89
CA ASP A 155 -2.82 19.87 -8.63
C ASP A 155 -3.81 19.51 -7.54
N LEU A 156 -3.30 19.22 -6.34
CA LEU A 156 -4.18 18.93 -5.22
C LEU A 156 -5.06 20.14 -4.93
N ALA A 157 -6.35 19.88 -4.69
CA ALA A 157 -7.26 20.97 -4.37
C ALA A 157 -7.04 21.45 -2.94
N LYS A 158 -6.59 20.57 -2.06
CA LYS A 158 -6.49 20.90 -0.65
C LYS A 158 -5.56 19.90 0.04
N VAL A 159 -4.80 20.40 1.00
CA VAL A 159 -3.88 19.57 1.77
C VAL A 159 -4.24 19.70 3.25
N ASP A 160 -4.38 18.56 3.91
CA ASP A 160 -4.74 18.53 5.32
C ASP A 160 -3.54 18.83 6.20
N LEU A 161 -2.43 18.16 5.91
CA LEU A 161 -1.18 18.30 6.66
C LEU A 161 -0.09 18.58 5.64
N GLN A 162 0.38 19.82 5.58
CA GLN A 162 1.52 20.11 4.72
C GLN A 162 2.78 19.48 5.33
N TRP A 163 3.81 19.36 4.50
CA TRP A 163 5.03 18.69 4.91
C TRP A 163 5.48 19.20 6.27
N ALA A 164 5.83 18.26 7.16
CA ALA A 164 6.18 18.63 8.51
C ALA A 164 7.13 17.61 9.14
N LYS A 165 7.95 18.11 10.04
CA LYS A 165 8.60 17.25 11.01
C LYS A 165 7.55 16.63 11.92
N PRO A 166 7.72 15.37 12.31
CA PRO A 166 6.68 14.70 13.11
C PRO A 166 6.68 15.16 14.56
N THR A 167 5.47 15.36 15.08
CA THR A 167 5.27 15.75 16.46
C THR A 167 4.12 14.93 17.04
N THR A 168 3.98 14.99 18.36
CA THR A 168 2.80 14.41 19.01
C THR A 168 1.52 14.92 18.39
N GLU A 169 1.48 16.21 18.08
CA GLU A 169 0.23 16.86 17.68
C GLU A 169 -0.15 16.52 16.25
N ASN A 170 0.82 16.36 15.34
CA ASN A 170 0.43 16.06 13.96
C ASN A 170 0.41 14.56 13.65
N LEU A 171 1.10 13.72 14.43
CA LEU A 171 0.92 12.28 14.27
C LEU A 171 -0.42 11.83 14.81
N GLY A 172 -0.89 12.45 15.88
CA GLY A 172 -2.12 12.06 16.54
C GLY A 172 -3.13 13.19 16.55
N HIS A 173 -3.48 13.69 15.37
CA HIS A 173 -4.25 14.92 15.33
C HIS A 173 -5.73 14.66 15.53
N GLY A 174 -6.20 13.48 15.16
CA GLY A 174 -7.61 13.18 15.30
C GLY A 174 -7.93 11.80 14.76
N ILE A 175 -9.13 11.35 15.11
CA ILE A 175 -9.67 10.07 14.68
C ILE A 175 -9.89 10.11 13.17
N PHE A 176 -9.18 9.23 12.46
CA PHE A 176 -9.22 9.13 10.99
C PHE A 176 -8.94 10.47 10.32
N GLN A 177 -8.13 11.30 10.95
CA GLN A 177 -7.69 12.57 10.36
C GLN A 177 -6.30 12.39 9.78
N TYR A 178 -5.28 12.74 10.55
CA TYR A 178 -3.89 12.41 10.23
C TYR A 178 -3.14 12.27 11.54
N MET A 179 -2.00 11.59 11.52
CA MET A 179 -1.30 10.93 10.41
C MET A 179 -1.55 9.42 10.44
N SER A 180 -1.73 8.86 9.24
CA SER A 180 -1.84 7.42 9.07
C SER A 180 -0.81 6.65 9.89
N ALA A 181 -1.30 5.71 10.69
CA ALA A 181 -0.41 4.92 11.54
C ALA A 181 0.40 3.93 10.71
N VAL A 182 -0.25 3.20 9.79
CA VAL A 182 0.49 2.27 8.96
C VAL A 182 1.57 3.00 8.20
N CYS A 183 1.23 4.17 7.65
CA CYS A 183 2.19 4.94 6.88
C CYS A 183 3.35 5.42 7.75
N TRP A 184 3.03 6.07 8.88
CA TRP A 184 4.06 6.56 9.79
C TRP A 184 4.97 5.42 10.25
N LEU A 185 4.38 4.32 10.73
CA LEU A 185 5.19 3.24 11.30
C LEU A 185 6.03 2.56 10.24
N PHE A 186 5.52 2.46 9.01
CA PHE A 186 6.30 1.96 7.89
C PHE A 186 7.54 2.83 7.68
N GLY A 187 7.33 4.15 7.60
CA GLY A 187 8.46 5.05 7.43
C GLY A 187 9.43 5.03 8.59
N ARG A 188 8.91 4.95 9.81
CA ARG A 188 9.79 4.86 10.99
C ARG A 188 10.65 3.60 10.92
N ASN A 189 10.05 2.47 10.55
CA ASN A 189 10.81 1.25 10.40
C ASN A 189 11.85 1.38 9.29
N LEU A 190 11.47 2.01 8.17
CA LEU A 190 12.43 2.20 7.10
C LEU A 190 13.59 3.08 7.56
N TYR A 191 13.28 4.14 8.31
CA TYR A 191 14.35 5.01 8.78
C TYR A 191 15.33 4.23 9.65
N ASP A 192 14.83 3.34 10.50
CA ASP A 192 15.72 2.53 11.32
C ASP A 192 16.71 1.77 10.44
N THR A 193 16.25 1.28 9.30
CA THR A 193 17.09 0.48 8.42
C THR A 193 17.99 1.35 7.55
N LEU A 194 17.44 2.43 6.99
CA LEU A 194 18.13 3.19 5.97
C LEU A 194 18.93 4.37 6.51
N GLN A 195 18.45 5.00 7.57
CA GLN A 195 19.18 6.11 8.20
C GLN A 195 19.42 7.27 7.24
N TYR A 196 18.45 7.52 6.37
CA TYR A 196 18.42 8.73 5.56
C TYR A 196 16.97 9.14 5.39
N PRO A 197 16.71 10.35 4.88
CA PRO A 197 15.36 10.91 4.97
C PRO A 197 14.31 10.07 4.24
N ILE A 198 13.12 10.08 4.81
CA ILE A 198 11.96 9.39 4.29
C ILE A 198 10.83 10.42 4.27
N GLY A 199 10.16 10.55 3.13
CA GLY A 199 8.95 11.34 3.01
C GLY A 199 7.75 10.43 2.88
N LEU A 200 6.70 10.75 3.64
CA LEU A 200 5.48 9.95 3.71
C LEU A 200 4.31 10.83 3.29
N ILE A 201 3.61 10.43 2.24
CA ILE A 201 2.40 11.10 1.79
C ILE A 201 1.24 10.14 1.97
N SER A 202 0.27 10.51 2.81
CA SER A 202 -0.91 9.71 3.02
C SER A 202 -2.08 10.28 2.21
N SER A 203 -2.76 9.40 1.49
CA SER A 203 -3.88 9.79 0.64
C SER A 203 -4.86 8.62 0.68
N SER A 204 -5.83 8.69 1.59
CA SER A 204 -6.72 7.57 1.83
C SER A 204 -8.10 8.10 2.21
N TRP A 205 -9.09 7.21 2.13
CA TRP A 205 -10.48 7.58 2.43
C TRP A 205 -11.26 6.32 2.77
N GLY A 206 -11.86 6.30 3.96
CA GLY A 206 -12.55 5.11 4.41
C GLY A 206 -13.74 4.75 3.54
N GLY A 207 -14.02 3.46 3.49
CA GLY A 207 -15.24 2.96 2.88
C GLY A 207 -15.26 3.06 1.37
N THR A 208 -14.08 3.03 0.72
CA THR A 208 -14.01 3.26 -0.70
C THR A 208 -13.55 2.01 -1.46
N PRO A 209 -14.18 1.74 -2.60
CA PRO A 209 -13.76 0.61 -3.44
C PRO A 209 -12.60 1.00 -4.34
N ILE A 210 -11.94 -0.02 -4.89
CA ILE A 210 -10.74 0.24 -5.68
C ILE A 210 -11.08 1.04 -6.92
N GLU A 211 -12.30 0.90 -7.43
CA GLU A 211 -12.70 1.64 -8.62
C GLU A 211 -12.60 3.14 -8.43
N ALA A 212 -12.77 3.63 -7.21
CA ALA A 212 -12.65 5.06 -6.97
C ALA A 212 -11.22 5.54 -7.15
N TRP A 213 -10.24 4.66 -6.92
CA TRP A 213 -8.82 4.95 -6.92
C TRP A 213 -8.16 4.60 -8.23
N SER A 214 -8.93 4.15 -9.20
CA SER A 214 -8.45 3.67 -10.48
C SER A 214 -8.73 4.70 -11.55
N SER A 215 -7.78 4.87 -12.45
CA SER A 215 -8.07 5.67 -13.63
C SER A 215 -8.99 4.88 -14.57
N GLU A 216 -9.51 5.59 -15.56
CA GLU A 216 -10.36 4.91 -16.54
C GLU A 216 -9.58 3.84 -17.30
N ARG A 217 -8.26 3.97 -17.41
CA ARG A 217 -7.49 2.99 -18.17
C ARG A 217 -7.52 1.61 -17.53
N SER A 218 -7.29 1.53 -16.21
CA SER A 218 -7.27 0.20 -15.61
C SER A 218 -8.68 -0.37 -15.52
N LEU A 219 -9.69 0.48 -15.32
CA LEU A 219 -11.06 -0.03 -15.29
C LEU A 219 -11.46 -0.61 -16.64
N LYS A 220 -11.10 0.09 -17.74
CA LYS A 220 -11.41 -0.44 -19.06
C LYS A 220 -10.66 -1.74 -19.32
N ALA A 221 -9.41 -1.82 -18.86
CA ALA A 221 -8.62 -3.02 -19.11
C ALA A 221 -9.25 -4.25 -18.47
N CYS A 222 -10.00 -4.06 -17.39
CA CYS A 222 -10.62 -5.16 -16.66
C CYS A 222 -12.08 -5.37 -17.01
N GLY A 223 -12.63 -4.60 -17.95
CA GLY A 223 -14.04 -4.74 -18.30
C GLY A 223 -14.97 -4.42 -17.16
N VAL A 224 -14.61 -3.46 -16.30
CA VAL A 224 -15.45 -3.15 -15.15
C VAL A 224 -16.77 -2.58 -15.62
N PRO A 225 -17.92 -3.07 -15.12
CA PRO A 225 -19.21 -2.57 -15.62
C PRO A 225 -19.39 -1.10 -15.33
N THR A 226 -20.20 -0.46 -16.16
CA THR A 226 -20.58 0.92 -15.91
C THR A 226 -21.25 1.03 -14.54
N GLN A 227 -20.97 2.15 -13.86
CA GLN A 227 -21.45 2.30 -12.49
C GLN A 227 -22.97 2.43 -12.46
N GLY A 228 -23.56 1.82 -11.43
CA GLY A 228 -24.99 1.95 -11.15
C GLY A 228 -25.22 2.62 -9.81
N PHE A 229 -26.02 2.00 -8.93
CA PHE A 229 -26.24 2.49 -7.57
C PHE A 229 -25.36 1.66 -6.64
N THR A 230 -24.25 2.25 -6.21
CA THR A 230 -23.14 1.52 -5.60
C THR A 230 -23.16 1.51 -4.09
N GLN A 231 -23.75 2.51 -3.44
CA GLN A 231 -23.64 2.64 -1.99
C GLN A 231 -24.41 1.53 -1.28
N SER A 232 -23.80 0.99 -0.24
CA SER A 232 -24.33 -0.13 0.53
C SER A 232 -23.69 -0.06 1.92
N ASN A 233 -23.95 -1.08 2.74
CA ASN A 233 -23.36 -1.09 4.07
C ASN A 233 -21.83 -1.12 4.01
N SER A 234 -21.25 -1.75 2.98
CA SER A 234 -19.81 -1.86 2.93
C SER A 234 -19.14 -0.80 2.06
N VAL A 235 -19.92 -0.02 1.31
CA VAL A 235 -19.39 1.07 0.50
C VAL A 235 -20.00 2.37 1.02
N THR A 236 -19.27 3.06 1.88
CA THR A 236 -19.76 4.25 2.56
C THR A 236 -19.06 5.52 2.10
N GLY A 237 -17.92 5.40 1.43
CA GLY A 237 -17.21 6.55 0.92
C GLY A 237 -17.45 6.70 -0.55
N PRO A 238 -16.76 7.65 -1.18
CA PRO A 238 -16.96 7.89 -2.61
C PRO A 238 -16.78 6.61 -3.42
N SER A 239 -17.73 6.34 -4.30
CA SER A 239 -17.66 5.12 -5.09
C SER A 239 -17.82 5.33 -6.59
N ASN A 240 -17.99 6.56 -7.07
CA ASN A 240 -17.98 6.80 -8.51
C ASN A 240 -16.59 6.43 -9.05
N HIS A 241 -16.56 5.87 -10.26
CA HIS A 241 -15.29 5.47 -10.84
C HIS A 241 -14.32 6.64 -10.92
N SER A 242 -13.10 6.43 -10.43
CA SER A 242 -11.95 7.29 -10.62
C SER A 242 -11.98 8.60 -9.83
N VAL A 243 -13.00 8.87 -9.02
CA VAL A 243 -13.10 10.22 -8.47
C VAL A 243 -12.01 10.51 -7.44
N LEU A 244 -11.43 9.48 -6.81
CA LEU A 244 -10.33 9.70 -5.87
C LEU A 244 -8.97 9.61 -6.54
N TRP A 245 -8.81 8.73 -7.52
CA TRP A 245 -7.69 8.87 -8.44
C TRP A 245 -7.61 10.31 -8.94
N ASN A 246 -8.75 10.84 -9.41
CA ASN A 246 -8.77 12.14 -10.07
C ASN A 246 -8.22 13.24 -9.17
N ALA A 247 -8.64 13.24 -7.91
CA ALA A 247 -8.34 14.37 -7.02
C ALA A 247 -7.20 14.10 -6.06
N MET A 248 -7.01 12.86 -5.63
CA MET A 248 -6.13 12.57 -4.50
C MET A 248 -4.87 11.80 -4.88
N ILE A 249 -4.77 11.28 -6.10
CA ILE A 249 -3.57 10.57 -6.55
C ILE A 249 -2.98 11.22 -7.79
N HIS A 250 -3.80 11.40 -8.83
CA HIS A 250 -3.29 11.95 -10.07
C HIS A 250 -2.49 13.23 -9.91
N PRO A 251 -2.88 14.18 -9.05
CA PRO A 251 -2.08 15.41 -8.91
C PRO A 251 -0.65 15.18 -8.43
N LEU A 252 -0.34 13.99 -7.95
CA LEU A 252 1.01 13.67 -7.49
C LEU A 252 1.84 12.98 -8.56
N HIS A 253 1.26 12.72 -9.74
CA HIS A 253 1.88 11.74 -10.63
C HIS A 253 3.13 12.26 -11.33
N ASN A 254 3.35 13.57 -11.33
CA ASN A 254 4.61 14.09 -11.89
C ASN A 254 5.73 14.12 -10.86
N MET A 255 5.42 13.91 -9.58
CA MET A 255 6.40 13.97 -8.51
C MET A 255 7.18 12.65 -8.46
N THR A 256 8.51 12.74 -8.52
CA THR A 256 9.33 11.55 -8.42
C THR A 256 9.13 10.87 -7.08
N LEU A 257 8.99 9.54 -7.09
CA LEU A 257 8.87 8.85 -5.82
C LEU A 257 9.53 7.49 -5.87
N LYS A 258 9.60 6.87 -4.69
CA LYS A 258 10.21 5.56 -4.49
C LYS A 258 9.21 4.43 -4.64
N GLY A 259 8.05 4.56 -4.01
CA GLY A 259 7.08 3.48 -4.06
C GLY A 259 5.78 3.84 -3.38
N VAL A 260 4.91 2.85 -3.34
CA VAL A 260 3.57 2.98 -2.77
C VAL A 260 3.37 1.87 -1.74
N ILE A 261 2.68 2.19 -0.65
CA ILE A 261 2.06 1.13 0.13
C ILE A 261 0.56 1.40 0.19
N TRP A 262 -0.21 0.32 0.30
CA TRP A 262 -1.63 0.30 0.00
C TRP A 262 -2.33 -0.60 0.99
N TYR A 263 -3.49 -0.14 1.48
CA TYR A 263 -4.30 -0.98 2.36
C TYR A 263 -5.76 -0.72 1.99
N GLN A 264 -6.32 -1.61 1.18
CA GLN A 264 -7.65 -1.42 0.65
C GLN A 264 -8.19 -2.77 0.18
N GLY A 265 -9.51 -2.90 0.24
CA GLY A 265 -10.17 -4.04 -0.35
C GLY A 265 -11.44 -4.42 0.38
N GLU A 266 -11.55 -3.99 1.63
CA GLU A 266 -12.74 -4.29 2.42
C GLU A 266 -14.02 -3.89 1.68
N SER A 267 -13.99 -2.74 1.01
CA SER A 267 -15.18 -2.23 0.35
C SER A 267 -15.42 -2.87 -1.02
N ASN A 268 -14.58 -3.80 -1.44
CA ASN A 268 -14.88 -4.59 -2.64
C ASN A 268 -15.45 -5.96 -2.29
N MET A 269 -15.76 -6.20 -1.02
CA MET A 269 -16.29 -7.50 -0.63
C MET A 269 -17.57 -7.82 -1.40
N ASN A 270 -18.37 -6.80 -1.75
CA ASN A 270 -19.59 -6.99 -2.51
C ASN A 270 -19.71 -5.98 -3.64
N PHE A 271 -18.59 -5.58 -4.21
CA PHE A 271 -18.56 -4.59 -5.28
C PHE A 271 -17.49 -5.05 -6.26
N ASN A 272 -17.93 -5.62 -7.39
CA ASN A 272 -17.01 -6.19 -8.38
C ASN A 272 -15.99 -7.11 -7.71
N ARG A 273 -16.45 -7.89 -6.73
CA ARG A 273 -15.54 -8.78 -5.99
C ARG A 273 -14.80 -9.71 -6.95
N ASP A 274 -15.52 -10.32 -7.90
CA ASP A 274 -14.92 -11.31 -8.80
C ASP A 274 -13.96 -10.69 -9.80
N LEU A 275 -13.88 -9.36 -9.89
CA LEU A 275 -12.94 -8.69 -10.78
C LEU A 275 -11.71 -8.17 -10.04
N TYR A 276 -11.67 -8.29 -8.71
CA TYR A 276 -10.60 -7.66 -7.94
C TYR A 276 -9.24 -8.26 -8.31
N ASN A 277 -9.22 -9.54 -8.69
CA ASN A 277 -7.97 -10.15 -9.12
C ASN A 277 -7.45 -9.55 -10.42
N CYS A 278 -8.28 -8.80 -11.15
CA CYS A 278 -7.88 -8.01 -12.31
C CYS A 278 -7.66 -6.55 -11.94
N THR A 279 -8.61 -5.93 -11.25
CA THR A 279 -8.55 -4.49 -11.05
C THR A 279 -7.38 -4.09 -10.16
N PHE A 280 -6.97 -4.93 -9.21
CA PHE A 280 -5.87 -4.52 -8.34
C PHE A 280 -4.54 -4.61 -9.08
N PRO A 281 -4.18 -5.74 -9.71
CA PRO A 281 -2.95 -5.73 -10.53
C PRO A 281 -2.98 -4.65 -11.60
N ALA A 282 -4.15 -4.36 -12.16
CA ALA A 282 -4.24 -3.35 -13.21
C ALA A 282 -4.04 -1.94 -12.65
N LEU A 283 -4.51 -1.71 -11.42
CA LEU A 283 -4.23 -0.43 -10.77
C LEU A 283 -2.74 -0.24 -10.57
N ILE A 284 -2.07 -1.27 -10.07
CA ILE A 284 -0.63 -1.17 -9.84
C ILE A 284 0.08 -0.81 -11.13
N GLU A 285 -0.24 -1.52 -12.21
CA GLU A 285 0.42 -1.28 -13.48
C GLU A 285 0.09 0.10 -14.02
N ASP A 286 -1.16 0.54 -13.87
CA ASP A 286 -1.52 1.85 -14.41
C ASP A 286 -0.88 2.98 -13.59
N TRP A 287 -0.86 2.84 -12.26
CA TRP A 287 -0.18 3.86 -11.48
C TRP A 287 1.30 3.93 -11.86
N ARG A 288 1.92 2.76 -12.03
CA ARG A 288 3.32 2.73 -12.45
C ARG A 288 3.53 3.43 -13.78
N GLN A 289 2.75 3.06 -14.79
CA GLN A 289 2.90 3.70 -16.10
C GLN A 289 2.70 5.20 -16.01
N THR A 290 1.65 5.62 -15.31
CA THR A 290 1.29 7.02 -15.26
C THR A 290 2.34 7.83 -14.50
N PHE A 291 2.79 7.32 -13.35
CA PHE A 291 3.80 8.03 -12.56
C PHE A 291 5.14 8.05 -13.26
N HIS A 292 5.50 6.94 -13.91
CA HIS A 292 6.77 6.91 -14.65
C HIS A 292 6.78 7.97 -15.73
N HIS A 293 5.70 8.07 -16.50
CA HIS A 293 5.70 9.08 -17.55
CA HIS A 293 5.59 9.06 -17.57
C HIS A 293 5.52 10.48 -17.00
N GLY A 294 4.69 10.66 -15.98
CA GLY A 294 4.49 12.00 -15.44
C GLY A 294 5.76 12.59 -14.89
N SER A 295 6.60 11.76 -14.25
CA SER A 295 7.86 12.20 -13.67
C SER A 295 9.00 12.25 -14.69
N GLN A 296 8.69 12.26 -15.98
CA GLN A 296 9.71 12.35 -17.01
C GLN A 296 10.66 11.17 -16.91
N GLY A 297 10.11 10.01 -16.56
CA GLY A 297 10.86 8.78 -16.49
C GLY A 297 11.68 8.59 -15.22
N GLN A 298 11.56 9.49 -14.25
CA GLN A 298 12.41 9.42 -13.06
C GLN A 298 11.91 8.43 -12.02
N THR A 299 10.60 8.36 -11.80
CA THR A 299 10.04 7.28 -10.99
C THR A 299 10.19 5.96 -11.73
N GLU A 300 10.68 4.94 -11.03
CA GLU A 300 10.93 3.65 -11.67
C GLU A 300 9.66 3.11 -12.33
N ARG A 301 9.82 2.60 -13.55
CA ARG A 301 8.70 2.05 -14.31
C ARG A 301 8.00 0.93 -13.55
N PHE A 302 8.75 0.15 -12.78
CA PHE A 302 8.15 -0.92 -11.98
C PHE A 302 8.37 -0.65 -10.51
N PHE A 303 8.05 0.56 -10.08
CA PHE A 303 8.36 0.94 -8.72
C PHE A 303 7.71 -0.02 -7.72
N PRO A 304 8.37 -0.30 -6.61
CA PRO A 304 7.83 -1.25 -5.64
C PRO A 304 6.49 -0.78 -5.10
N PHE A 305 5.56 -1.72 -5.02
CA PHE A 305 4.19 -1.47 -4.60
C PHE A 305 3.86 -2.52 -3.55
N GLY A 306 3.66 -2.08 -2.31
CA GLY A 306 3.37 -2.96 -1.20
C GLY A 306 1.93 -2.82 -0.77
N PHE A 307 1.38 -3.90 -0.20
CA PHE A 307 0.00 -3.81 0.22
C PHE A 307 -0.26 -4.76 1.38
N VAL A 308 -1.36 -4.49 2.07
CA VAL A 308 -1.79 -5.29 3.21
C VAL A 308 -2.93 -6.20 2.76
N GLN A 309 -2.71 -7.51 2.89
CA GLN A 309 -3.79 -8.46 2.71
C GLN A 309 -4.80 -8.27 3.83
N LEU A 310 -6.08 -8.32 3.51
CA LEU A 310 -7.09 -7.85 4.44
C LEU A 310 -6.94 -8.55 5.79
N SER A 311 -7.15 -7.78 6.85
CA SER A 311 -7.31 -8.36 8.18
C SER A 311 -8.71 -8.94 8.29
N SER A 312 -9.14 -9.20 9.50
CA SER A 312 -10.42 -9.83 9.77
C SER A 312 -11.40 -8.83 10.34
N TYR A 313 -12.66 -9.26 10.42
CA TYR A 313 -13.66 -8.59 11.22
C TYR A 313 -14.66 -9.66 11.62
N LEU A 314 -15.50 -9.32 12.59
CA LEU A 314 -16.47 -10.25 13.13
C LEU A 314 -17.68 -10.29 12.21
N SER A 315 -17.61 -11.18 11.22
CA SER A 315 -18.64 -11.31 10.20
C SER A 315 -19.56 -12.49 10.51
N ALA A 316 -20.59 -12.65 9.71
CA ALA A 316 -21.33 -13.91 9.74
C ALA A 316 -20.36 -15.05 9.45
N PRO A 317 -20.50 -16.19 10.14
CA PRO A 317 -19.52 -17.28 9.94
C PRO A 317 -19.42 -17.75 8.49
N SER A 318 -20.55 -17.73 7.78
CA SER A 318 -20.64 -18.24 6.42
C SER A 318 -20.12 -17.27 5.37
N ASP A 319 -19.85 -16.02 5.74
CA ASP A 319 -19.44 -15.00 4.78
C ASP A 319 -18.01 -15.29 4.36
N ASP A 320 -17.78 -15.56 3.08
CA ASP A 320 -16.41 -15.74 2.64
C ASP A 320 -16.02 -14.73 1.57
N THR A 321 -16.62 -13.55 1.61
CA THR A 321 -16.17 -12.51 0.69
C THR A 321 -14.76 -12.05 1.04
N PHE A 322 -14.43 -11.90 2.32
CA PHE A 322 -13.08 -11.47 2.67
C PHE A 322 -12.04 -12.49 2.24
N PRO A 323 -12.20 -13.79 2.50
CA PRO A 323 -11.23 -14.76 1.96
C PRO A 323 -11.05 -14.63 0.46
N GLN A 324 -12.15 -14.40 -0.28
CA GLN A 324 -12.04 -14.25 -1.72
C GLN A 324 -11.20 -13.02 -2.07
N ILE A 325 -11.46 -11.89 -1.40
CA ILE A 325 -10.67 -10.68 -1.68
C ILE A 325 -9.20 -10.92 -1.33
N ARG A 326 -8.92 -11.57 -0.18
CA ARG A 326 -7.54 -11.83 0.18
C ARG A 326 -6.80 -12.61 -0.90
N TRP A 327 -7.48 -13.60 -1.48
CA TRP A 327 -6.90 -14.38 -2.56
C TRP A 327 -6.70 -13.53 -3.80
N HIS A 328 -7.72 -12.73 -4.16
CA HIS A 328 -7.61 -11.85 -5.32
C HIS A 328 -6.54 -10.78 -5.16
N GLN A 329 -6.27 -10.35 -3.93
CA GLN A 329 -5.20 -9.38 -3.70
C GLN A 329 -3.85 -9.91 -4.17
N THR A 330 -3.69 -11.23 -4.26
CA THR A 330 -2.47 -11.81 -4.78
C THR A 330 -2.62 -12.26 -6.22
N ALA A 331 -3.64 -11.76 -6.93
CA ALA A 331 -3.98 -12.22 -8.27
C ALA A 331 -4.16 -13.74 -8.30
N ASP A 332 -4.63 -14.31 -7.18
CA ASP A 332 -4.98 -15.72 -7.06
C ASP A 332 -3.76 -16.64 -7.10
N PHE A 333 -2.58 -16.11 -6.74
CA PHE A 333 -1.37 -16.90 -6.57
C PHE A 333 -1.12 -17.32 -5.13
N GLY A 334 -1.54 -16.49 -4.16
CA GLY A 334 -1.29 -16.69 -2.75
C GLY A 334 -0.04 -16.01 -2.23
N TYR A 335 0.80 -15.51 -3.12
CA TYR A 335 2.05 -14.86 -2.77
C TYR A 335 2.30 -13.75 -3.79
N VAL A 336 3.09 -12.78 -3.36
CA VAL A 336 3.66 -11.76 -4.26
C VAL A 336 5.12 -11.56 -3.89
N PRO A 337 5.94 -11.14 -4.85
CA PRO A 337 5.64 -10.86 -6.26
C PRO A 337 5.28 -12.12 -7.04
N ASN A 338 4.59 -11.95 -8.16
CA ASN A 338 4.24 -13.06 -9.02
C ASN A 338 4.16 -12.56 -10.45
N LEU A 339 3.83 -13.46 -11.37
CA LEU A 339 3.88 -13.15 -12.78
C LEU A 339 2.99 -11.95 -13.14
N ARG A 340 1.86 -11.77 -12.46
CA ARG A 340 0.95 -10.67 -12.77
C ARG A 340 1.17 -9.45 -11.92
N MET A 341 2.04 -9.54 -10.90
CA MET A 341 2.26 -8.47 -9.93
C MET A 341 3.75 -8.39 -9.65
N PRO A 342 4.54 -7.96 -10.63
CA PRO A 342 5.98 -7.84 -10.41
C PRO A 342 6.31 -6.75 -9.39
N ASN A 343 7.39 -6.99 -8.64
CA ASN A 343 7.93 -6.01 -7.69
C ASN A 343 6.89 -5.53 -6.69
N THR A 344 6.06 -6.43 -6.23
CA THR A 344 5.09 -6.14 -5.19
C THR A 344 5.46 -6.94 -3.94
N PHE A 345 4.95 -6.48 -2.80
CA PHE A 345 5.17 -7.16 -1.53
C PHE A 345 3.91 -7.01 -0.69
N MET A 346 3.69 -7.99 0.18
CA MET A 346 2.43 -8.08 0.92
C MET A 346 2.71 -8.33 2.39
N ALA A 347 1.93 -7.67 3.25
CA ALA A 347 1.84 -8.01 4.66
C ALA A 347 0.54 -8.78 4.90
N VAL A 348 0.65 -9.99 5.46
CA VAL A 348 -0.54 -10.69 5.93
C VAL A 348 -1.02 -10.02 7.21
N ALA A 349 -2.35 -9.80 7.32
CA ALA A 349 -2.91 -9.17 8.50
C ALA A 349 -4.07 -9.94 9.13
N MET A 350 -4.42 -11.13 8.62
CA MET A 350 -5.60 -11.83 9.14
C MET A 350 -5.43 -12.26 10.59
N ASP A 351 -4.19 -12.37 11.09
CA ASP A 351 -3.96 -12.72 12.48
C ASP A 351 -3.81 -11.51 13.39
N LEU A 352 -4.01 -10.30 12.87
CA LEU A 352 -3.81 -9.06 13.61
C LEU A 352 -5.17 -8.46 13.99
N CYS A 353 -6.09 -9.35 14.33
CA CYS A 353 -7.46 -9.03 14.64
C CYS A 353 -7.61 -8.35 16.00
N ASP A 354 -8.78 -7.76 16.22
CA ASP A 354 -9.02 -6.95 17.41
C ASP A 354 -10.51 -7.06 17.75
N ARG A 355 -10.83 -7.92 18.71
CA ARG A 355 -12.24 -8.13 19.04
C ARG A 355 -12.88 -6.91 19.65
N LYS A 356 -12.11 -6.09 20.34
CA LYS A 356 -12.67 -5.03 21.16
C LYS A 356 -12.26 -3.64 20.68
N SER A 357 -11.96 -3.49 19.40
CA SER A 357 -11.55 -2.19 18.92
C SER A 357 -12.69 -1.19 19.13
N PRO A 358 -12.42 -0.01 19.70
CA PRO A 358 -13.48 1.00 19.80
C PRO A 358 -13.92 1.55 18.46
N PHE A 359 -13.20 1.22 17.38
CA PHE A 359 -13.57 1.62 16.02
C PHE A 359 -14.20 0.48 15.26
N GLY A 360 -14.54 -0.60 15.94
CA GLY A 360 -15.07 -1.78 15.30
C GLY A 360 -13.98 -2.75 14.91
N SER A 361 -14.30 -4.04 14.95
CA SER A 361 -13.31 -5.05 14.61
C SER A 361 -12.77 -4.89 13.20
N ILE A 362 -13.50 -4.23 12.30
CA ILE A 362 -13.01 -3.97 10.94
C ILE A 362 -11.83 -3.01 10.96
N HIS A 363 -11.60 -2.33 12.08
CA HIS A 363 -10.54 -1.33 12.26
C HIS A 363 -9.66 -1.73 13.44
N PRO A 364 -8.84 -2.77 13.26
CA PRO A 364 -8.02 -3.26 14.38
C PRO A 364 -6.90 -2.30 14.75
N ARG A 365 -6.52 -2.31 16.02
CA ARG A 365 -5.62 -1.29 16.54
C ARG A 365 -4.13 -1.64 16.41
N ASP A 366 -3.76 -2.88 16.10
CA ASP A 366 -2.35 -3.21 15.95
C ASP A 366 -1.91 -2.88 14.53
N LYS A 367 -1.50 -1.63 14.31
CA LYS A 367 -0.89 -1.25 13.05
C LYS A 367 0.63 -1.43 13.08
N GLN A 368 1.21 -1.58 14.28
CA GLN A 368 2.64 -1.81 14.40
C GLN A 368 3.07 -3.06 13.65
N THR A 369 2.35 -4.17 13.83
CA THR A 369 2.79 -5.39 13.17
C THR A 369 2.55 -5.31 11.66
N VAL A 370 1.49 -4.62 11.24
CA VAL A 370 1.25 -4.41 9.82
C VAL A 370 2.44 -3.69 9.20
N ALA A 371 2.85 -2.57 9.82
CA ALA A 371 3.96 -1.79 9.28
C ALA A 371 5.26 -2.56 9.36
N TYR A 372 5.45 -3.36 10.40
CA TYR A 372 6.64 -4.19 10.48
C TYR A 372 6.69 -5.18 9.32
N ARG A 373 5.60 -5.90 9.08
CA ARG A 373 5.57 -6.88 8.00
C ARG A 373 5.71 -6.23 6.63
N LEU A 374 5.10 -5.05 6.44
CA LEU A 374 5.33 -4.32 5.21
C LEU A 374 6.79 -3.96 5.03
N HIS A 375 7.46 -3.50 6.10
CA HIS A 375 8.83 -3.03 5.92
C HIS A 375 9.78 -4.17 5.61
N LEU A 376 9.45 -5.41 6.02
CA LEU A 376 10.25 -6.56 5.60
C LEU A 376 10.20 -6.73 4.09
N GLY A 377 8.97 -6.69 3.53
CA GLY A 377 8.81 -6.78 2.09
C GLY A 377 9.49 -5.64 1.35
N ALA A 378 9.41 -4.43 1.90
CA ALA A 378 10.11 -3.31 1.28
C ALA A 378 11.61 -3.55 1.27
N ARG A 379 12.15 -4.00 2.40
CA ARG A 379 13.59 -4.25 2.46
C ARG A 379 14.01 -5.25 1.38
N ALA A 380 13.22 -6.29 1.17
CA ALA A 380 13.55 -7.29 0.15
C ALA A 380 13.30 -6.76 -1.26
N VAL A 381 12.08 -6.29 -1.53
CA VAL A 381 11.68 -6.00 -2.91
C VAL A 381 12.12 -4.61 -3.33
N ALA A 382 12.00 -3.62 -2.44
CA ALA A 382 12.35 -2.25 -2.78
C ALA A 382 13.83 -1.94 -2.60
N TYR A 383 14.51 -2.65 -1.70
CA TYR A 383 15.88 -2.34 -1.36
C TYR A 383 16.85 -3.50 -1.59
N GLY A 384 16.39 -4.65 -2.05
CA GLY A 384 17.27 -5.71 -2.49
C GLY A 384 17.93 -6.51 -1.41
N GLU A 385 17.46 -6.40 -0.17
CA GLU A 385 18.04 -7.12 0.96
C GLU A 385 17.52 -8.54 1.01
N LYS A 386 18.40 -9.47 1.37
CA LYS A 386 18.01 -10.86 1.61
C LYS A 386 17.39 -10.95 3.01
N VAL A 387 16.09 -10.63 3.07
CA VAL A 387 15.30 -10.66 4.29
C VAL A 387 14.06 -11.50 4.00
N ILE A 388 13.67 -12.35 4.94
CA ILE A 388 12.46 -13.13 4.76
C ILE A 388 11.25 -12.21 4.89
N PHE A 389 10.38 -12.21 3.88
CA PHE A 389 9.20 -11.37 3.88
C PHE A 389 7.93 -12.10 3.49
N GLN A 390 8.02 -13.39 3.15
CA GLN A 390 6.88 -14.23 2.79
C GLN A 390 6.70 -15.32 3.82
N GLY A 391 5.44 -15.61 4.17
CA GLY A 391 5.13 -16.66 5.10
C GLY A 391 5.08 -18.01 4.42
N PRO A 392 5.06 -19.08 5.22
CA PRO A 392 5.15 -20.44 4.64
C PRO A 392 3.91 -20.78 3.83
N LEU A 393 4.14 -21.25 2.60
CA LEU A 393 3.12 -21.69 1.68
C LEU A 393 3.53 -23.05 1.13
N PRO A 394 2.59 -23.99 0.97
CA PRO A 394 2.96 -25.27 0.40
C PRO A 394 3.49 -25.10 -1.02
N GLU A 395 4.55 -25.85 -1.33
CA GLU A 395 5.05 -25.91 -2.70
C GLU A 395 4.61 -27.18 -3.40
N LYS A 396 4.22 -28.21 -2.67
CA LYS A 396 3.62 -29.35 -3.34
C LYS A 396 2.75 -30.11 -2.36
N MET A 397 1.88 -30.94 -2.92
CA MET A 397 0.97 -31.75 -2.14
C MET A 397 1.01 -33.19 -2.63
N GLU A 398 0.75 -34.11 -1.72
CA GLU A 398 0.78 -35.53 -2.04
C GLU A 398 -0.43 -36.16 -1.37
N LEU A 399 -1.37 -36.63 -2.16
CA LEU A 399 -2.56 -37.30 -1.66
C LEU A 399 -2.29 -38.79 -1.57
N LEU A 400 -2.46 -39.36 -0.39
CA LEU A 400 -2.36 -40.80 -0.16
C LEU A 400 -3.78 -41.28 0.14
N ALA A 401 -4.57 -41.41 -0.93
CA ALA A 401 -5.99 -41.68 -0.77
C ALA A 401 -6.24 -43.00 -0.05
N ASP A 402 -5.42 -44.01 -0.33
CA ASP A 402 -5.59 -45.30 0.32
C ASP A 402 -5.37 -45.21 1.83
N LYS A 403 -4.51 -44.31 2.26
CA LYS A 403 -4.24 -44.11 3.69
C LYS A 403 -5.09 -43.02 4.30
N GLY A 404 -5.89 -42.32 3.51
CA GLY A 404 -6.68 -41.22 4.03
C GLY A 404 -5.84 -40.06 4.52
N LEU A 405 -4.76 -39.74 3.83
CA LEU A 405 -3.85 -38.68 4.23
C LEU A 405 -3.54 -37.75 3.07
N LEU A 406 -3.28 -36.49 3.42
CA LEU A 406 -2.82 -35.48 2.46
C LEU A 406 -1.60 -34.80 3.04
N ASN A 407 -0.47 -34.93 2.35
CA ASN A 407 0.77 -34.29 2.77
C ASN A 407 0.92 -32.95 2.07
N LEU A 408 1.25 -31.93 2.84
CA LEU A 408 1.56 -30.60 2.33
C LEU A 408 3.03 -30.32 2.62
N MET A 409 3.81 -30.10 1.57
CA MET A 409 5.24 -29.85 1.68
C MET A 409 5.47 -28.35 1.49
N TYR A 410 6.02 -27.71 2.51
CA TYR A 410 6.22 -26.28 2.54
C TYR A 410 7.61 -25.90 2.08
N SER A 411 7.72 -24.73 1.45
CA SER A 411 9.01 -24.27 0.95
C SER A 411 9.85 -23.60 2.02
N GLN A 412 9.34 -23.45 3.24
CA GLN A 412 10.08 -22.95 4.39
C GLN A 412 9.72 -23.80 5.60
N GLU A 413 10.49 -23.66 6.67
CA GLU A 413 10.16 -24.33 7.92
C GLU A 413 8.85 -23.78 8.50
N ILE A 414 8.18 -24.63 9.25
CA ILE A 414 6.88 -24.30 9.83
C ILE A 414 6.90 -24.64 11.32
N GLN A 415 6.20 -23.81 12.07
CA GLN A 415 5.83 -24.03 13.47
C GLN A 415 4.31 -24.15 13.46
N VAL A 416 3.80 -25.26 13.97
CA VAL A 416 2.38 -25.59 13.81
C VAL A 416 1.74 -25.84 15.17
N GLN A 417 0.65 -25.14 15.43
CA GLN A 417 -0.20 -25.45 16.57
C GLN A 417 -1.39 -26.28 16.11
N ARG A 418 -1.72 -27.32 16.87
CA ARG A 418 -2.85 -28.16 16.53
C ARG A 418 -4.10 -27.33 16.32
N GLN A 419 -4.78 -27.53 15.19
CA GLN A 419 -6.01 -26.80 14.90
C GLN A 419 -6.70 -27.61 13.81
N ASP A 420 -7.79 -28.30 14.16
CA ASP A 420 -8.33 -29.31 13.28
C ASP A 420 -9.41 -28.79 12.35
N LYS A 421 -9.62 -27.47 12.30
CA LYS A 421 -10.57 -26.88 11.37
C LYS A 421 -10.00 -25.79 10.49
N ILE A 422 -8.71 -25.45 10.64
CA ILE A 422 -8.14 -24.34 9.86
C ILE A 422 -7.94 -24.78 8.42
N PHE A 423 -7.71 -26.06 8.18
CA PHE A 423 -7.67 -26.61 6.84
C PHE A 423 -9.02 -27.24 6.51
N GLU A 424 -9.46 -27.10 5.28
CA GLU A 424 -10.65 -27.78 4.79
C GLU A 424 -10.33 -28.44 3.47
N ILE A 425 -11.00 -29.55 3.21
CA ILE A 425 -10.86 -30.27 1.95
C ILE A 425 -12.20 -30.29 1.25
N SER A 426 -12.16 -30.16 -0.07
CA SER A 426 -13.35 -30.20 -0.90
C SER A 426 -13.61 -31.66 -1.26
N CYS A 427 -14.67 -32.22 -0.70
CA CYS A 427 -15.01 -33.63 -0.88
C CYS A 427 -16.16 -33.72 -1.85
N CYS A 428 -15.94 -34.38 -2.97
CA CYS A 428 -16.94 -34.51 -4.02
C CYS A 428 -17.48 -35.93 -4.00
N SER A 429 -18.78 -36.05 -3.72
CA SER A 429 -19.46 -37.34 -3.60
C SER A 429 -20.94 -37.06 -3.85
N ASP A 430 -21.63 -38.07 -4.40
CA ASP A 430 -23.07 -37.99 -4.62
C ASP A 430 -23.45 -36.72 -5.39
N HIS A 431 -22.64 -36.39 -6.39
CA HIS A 431 -22.92 -35.30 -7.32
C HIS A 431 -22.79 -33.91 -6.69
N GLN A 432 -22.13 -33.80 -5.54
CA GLN A 432 -21.91 -32.51 -4.90
C GLN A 432 -20.49 -32.47 -4.36
N CYS A 433 -19.97 -31.27 -4.13
CA CYS A 433 -18.73 -31.07 -3.38
C CYS A 433 -19.03 -30.23 -2.16
N LYS A 434 -18.51 -30.64 -1.00
CA LYS A 434 -18.65 -29.90 0.23
C LYS A 434 -17.27 -29.71 0.85
N TRP A 435 -17.08 -28.57 1.51
CA TRP A 435 -15.86 -28.32 2.26
C TRP A 435 -15.98 -28.96 3.64
N LEU A 436 -15.05 -29.84 3.96
CA LEU A 436 -15.02 -30.53 5.23
C LEU A 436 -13.75 -30.17 5.98
N PRO A 437 -13.79 -30.08 7.30
CA PRO A 437 -12.55 -29.83 8.04
C PRO A 437 -11.61 -31.02 7.91
N ALA A 438 -10.31 -30.72 7.88
CA ALA A 438 -9.27 -31.72 7.73
C ALA A 438 -8.35 -31.67 8.93
N PRO A 439 -8.48 -32.62 9.87
CA PRO A 439 -7.63 -32.59 11.06
C PRO A 439 -6.15 -32.73 10.73
N MET A 440 -5.33 -32.13 11.57
CA MET A 440 -3.89 -32.31 11.48
C MET A 440 -3.50 -33.66 12.07
N ASP A 441 -2.80 -34.48 11.30
CA ASP A 441 -2.42 -35.79 11.76
C ASP A 441 -0.95 -35.94 12.15
N ALA A 442 -0.04 -35.34 11.42
CA ALA A 442 1.37 -35.54 11.68
C ALA A 442 2.17 -34.36 11.15
N PHE A 443 3.40 -34.24 11.66
CA PHE A 443 4.23 -33.07 11.45
C PHE A 443 5.68 -33.49 11.27
N SER A 444 6.35 -32.81 10.33
CA SER A 444 7.80 -32.80 10.19
CA SER A 444 7.80 -32.80 10.17
C SER A 444 8.23 -31.36 9.95
N ALA A 445 9.53 -31.13 9.86
CA ALA A 445 10.07 -29.76 9.78
C ALA A 445 9.41 -28.92 8.68
N GLN A 446 9.12 -29.51 7.50
CA GLN A 446 8.49 -28.77 6.42
CA GLN A 446 8.49 -28.77 6.42
C GLN A 446 7.30 -29.51 5.81
N THR A 447 6.78 -30.53 6.48
CA THR A 447 5.67 -31.30 5.96
C THR A 447 4.58 -31.42 7.00
N LEU A 448 3.36 -31.07 6.62
CA LEU A 448 2.20 -31.23 7.47
C LEU A 448 1.28 -32.26 6.82
N THR A 449 0.88 -33.25 7.60
CA THR A 449 0.01 -34.31 7.12
C THR A 449 -1.39 -34.08 7.67
N LEU A 450 -2.36 -34.00 6.76
CA LEU A 450 -3.76 -33.86 7.13
C LEU A 450 -4.46 -35.20 6.95
N SER A 451 -5.45 -35.42 7.81
CA SER A 451 -6.32 -36.58 7.69
CA SER A 451 -6.32 -36.58 7.69
C SER A 451 -7.48 -36.24 6.76
N THR A 452 -7.74 -37.13 5.79
CA THR A 452 -8.83 -36.93 4.85
C THR A 452 -9.95 -37.95 5.06
N GLY A 453 -9.90 -38.72 6.14
CA GLY A 453 -10.78 -39.86 6.29
C GLY A 453 -12.25 -39.52 6.36
N SER A 454 -12.57 -38.27 6.69
CA SER A 454 -13.98 -37.88 6.69
C SER A 454 -14.52 -37.71 5.28
N CYS A 455 -13.66 -37.68 4.26
CA CYS A 455 -14.09 -37.55 2.89
C CYS A 455 -14.27 -38.96 2.30
N HIS A 456 -15.52 -39.33 2.07
CA HIS A 456 -15.86 -40.58 1.40
C HIS A 456 -16.28 -40.27 -0.03
N GLY A 457 -15.29 -39.82 -0.80
CA GLY A 457 -15.49 -39.39 -2.17
C GLY A 457 -14.15 -39.03 -2.77
N THR A 458 -14.11 -38.09 -3.72
CA THR A 458 -12.85 -37.66 -4.29
C THR A 458 -12.50 -36.27 -3.76
N LEU A 459 -11.21 -36.06 -3.58
CA LEU A 459 -10.70 -34.83 -3.00
C LEU A 459 -10.35 -33.89 -4.15
N ALA A 460 -11.08 -32.77 -4.27
CA ALA A 460 -10.88 -31.83 -5.37
C ALA A 460 -9.96 -30.68 -5.02
N ALA A 461 -9.82 -30.34 -3.75
CA ALA A 461 -9.10 -29.13 -3.37
C ALA A 461 -8.86 -29.15 -1.87
N VAL A 462 -7.94 -28.29 -1.44
CA VAL A 462 -7.66 -28.05 -0.04
C VAL A 462 -7.54 -26.54 0.12
N ARG A 463 -7.95 -26.03 1.27
CA ARG A 463 -7.78 -24.61 1.56
C ARG A 463 -7.41 -24.44 3.03
N TYR A 464 -6.78 -23.29 3.31
CA TYR A 464 -6.22 -22.98 4.62
C TYR A 464 -6.64 -21.58 5.02
N ALA A 465 -7.15 -21.43 6.25
CA ALA A 465 -7.50 -20.15 6.83
C ALA A 465 -8.50 -19.40 5.95
N TRP A 466 -9.43 -20.16 5.36
CA TRP A 466 -10.38 -19.58 4.42
C TRP A 466 -11.64 -19.17 5.16
N ALA A 467 -11.48 -18.15 6.00
CA ALA A 467 -12.54 -17.63 6.83
C ALA A 467 -12.28 -16.16 7.06
N THR A 468 -13.35 -15.39 7.24
CA THR A 468 -13.19 -13.98 7.52
C THR A 468 -12.39 -13.76 8.79
N TRP A 469 -12.63 -14.59 9.80
CA TRP A 469 -11.97 -14.51 11.11
C TRP A 469 -11.34 -15.88 11.34
N PRO A 470 -10.14 -16.12 10.81
CA PRO A 470 -9.57 -17.46 10.87
C PRO A 470 -8.88 -17.79 12.18
N CYS A 471 -8.55 -16.79 12.99
CA CYS A 471 -7.81 -17.04 14.22
C CYS A 471 -7.91 -15.88 15.18
N GLU A 472 -7.54 -16.15 16.41
CA GLU A 472 -7.36 -15.09 17.40
C GLU A 472 -6.00 -14.42 17.20
N TYR A 473 -5.83 -13.30 17.88
CA TYR A 473 -4.70 -12.40 17.64
C TYR A 473 -3.35 -13.11 17.80
N LYS A 474 -2.58 -13.09 16.72
CA LYS A 474 -1.25 -13.73 16.64
C LYS A 474 -1.30 -15.18 17.11
N GLN A 475 -2.43 -15.84 16.86
CA GLN A 475 -2.62 -17.24 17.20
C GLN A 475 -3.08 -18.04 15.99
N CYS A 476 -2.69 -17.62 14.79
CA CYS A 476 -2.95 -18.48 13.65
C CYS A 476 -2.12 -19.76 13.79
N PRO A 477 -2.59 -20.86 13.20
CA PRO A 477 -1.95 -22.15 13.53
C PRO A 477 -0.53 -22.30 13.01
N ILE A 478 -0.17 -21.66 11.90
CA ILE A 478 1.12 -21.90 11.27
C ILE A 478 1.87 -20.59 11.11
N TYR A 479 3.09 -20.56 11.65
CA TYR A 479 4.04 -19.47 11.49
C TYR A 479 5.37 -20.06 11.06
N HIS A 480 6.19 -19.26 10.42
CA HIS A 480 7.59 -19.61 10.36
C HIS A 480 8.16 -19.60 11.78
N PRO A 481 9.15 -20.45 12.07
CA PRO A 481 9.63 -20.53 13.45
C PRO A 481 10.40 -19.31 13.94
N SER A 482 10.89 -18.44 13.04
CA SER A 482 11.68 -17.29 13.48
C SER A 482 11.40 -15.98 12.75
N SER A 483 10.87 -15.99 11.53
CA SER A 483 10.61 -14.72 10.85
C SER A 483 9.44 -13.95 11.44
N THR A 484 8.64 -14.61 12.30
CA THR A 484 7.40 -14.15 12.90
C THR A 484 6.23 -14.11 11.91
N LEU A 485 6.42 -14.56 10.67
CA LEU A 485 5.37 -14.39 9.67
C LEU A 485 4.40 -15.57 9.65
N PRO A 486 3.11 -15.27 9.54
CA PRO A 486 2.12 -16.35 9.45
C PRO A 486 2.08 -16.96 8.07
N ALA A 487 1.72 -18.24 8.03
CA ALA A 487 1.35 -18.86 6.76
C ALA A 487 0.18 -18.11 6.15
N PRO A 488 0.26 -17.69 4.89
CA PRO A 488 -0.87 -16.99 4.27
C PRO A 488 -2.02 -17.93 3.96
N PRO A 489 -3.23 -17.42 3.82
CA PRO A 489 -4.35 -18.26 3.39
C PRO A 489 -4.15 -18.72 1.96
N PHE A 490 -4.71 -19.88 1.63
CA PHE A 490 -4.63 -20.32 0.25
C PHE A 490 -5.73 -21.33 -0.07
N ILE A 491 -5.93 -21.52 -1.37
CA ILE A 491 -6.68 -22.65 -1.90
C ILE A 491 -5.83 -23.29 -3.00
N ALA A 492 -5.85 -24.61 -3.06
CA ALA A 492 -5.08 -25.36 -4.02
C ALA A 492 -5.92 -26.52 -4.53
N PHE A 493 -5.93 -26.69 -5.85
CA PHE A 493 -6.76 -27.71 -6.47
C PHE A 493 -5.92 -28.94 -6.80
N MET A 494 -6.50 -30.11 -6.55
CA MET A 494 -5.85 -31.36 -6.94
C MET A 494 -5.89 -31.52 -8.45
N THR A 495 -4.91 -32.22 -8.98
CA THR A 495 -4.91 -32.54 -10.41
C THR A 495 -6.01 -33.56 -10.72
C1 NAG B . 5.19 1.59 22.57
C2 NAG B . 5.94 0.27 22.37
C3 NAG B . 7.39 0.42 22.79
C4 NAG B . 8.00 1.63 22.08
C5 NAG B . 7.13 2.87 22.21
C6 NAG B . 7.61 4.00 21.33
C7 NAG B . 4.26 -1.49 22.62
C8 NAG B . 3.68 -2.55 23.51
N2 NAG B . 5.30 -0.81 23.11
O3 NAG B . 8.10 -0.75 22.39
O4 NAG B . 9.27 1.94 22.65
O5 NAG B . 5.79 2.58 21.81
O6 NAG B . 7.71 3.55 20.00
O7 NAG B . 3.81 -1.27 21.49
H2 NAG B . 5.92 0.04 21.42
H3 NAG B . 7.44 0.55 23.75
H4 NAG B . 8.10 1.38 21.13
H5 NAG B . 7.12 3.15 23.15
H61 NAG B . 8.48 4.31 21.65
H62 NAG B . 6.97 4.74 21.38
H81 NAG B . 2.86 -2.89 23.11
H82 NAG B . 3.49 -2.17 24.38
H83 NAG B . 4.33 -3.28 23.61
HN2 NAG B . 5.62 -1.02 23.94
HO3 NAG B . 8.62 -0.56 21.70
HO6 NAG B . 6.99 3.80 19.54
C1 NAG B . 10.23 1.95 21.60
C2 NAG B . 11.56 2.60 22.06
C3 NAG B . 12.71 2.27 21.09
C4 NAG B . 12.73 0.79 20.71
C5 NAG B . 11.35 0.40 20.24
C6 NAG B . 11.21 -1.04 19.82
C7 NAG B . 11.04 4.71 23.23
C8 NAG B . 10.94 6.20 23.11
N2 NAG B . 11.41 4.05 22.13
O3 NAG B . 13.94 2.62 21.73
O4 NAG B . 13.67 0.60 19.66
O5 NAG B . 10.44 0.61 21.32
O6 NAG B . 10.22 -1.18 18.83
O7 NAG B . 10.80 4.12 24.28
H2 NAG B . 11.79 2.24 22.93
H3 NAG B . 12.59 2.78 20.27
H4 NAG B . 12.99 0.24 21.47
H5 NAG B . 11.09 0.94 19.47
H61 NAG B . 10.98 -1.58 20.61
H62 NAG B . 12.07 -1.35 19.47
H81 NAG B . 10.65 6.57 23.96
H82 NAG B . 10.29 6.42 22.41
H83 NAG B . 11.81 6.56 22.88
HN2 NAG B . 11.56 4.54 21.38
HO3 NAG B . 14.26 3.37 21.36
HO6 NAG B . 10.22 -0.48 18.28
C1 NAG C . 2.70 15.71 -15.80
C2 NAG C . 3.10 16.97 -16.62
C3 NAG C . 2.27 17.08 -17.90
C4 NAG C . 2.39 15.81 -18.71
C5 NAG C . 1.94 14.65 -17.81
C6 NAG C . 2.05 13.30 -18.48
C7 NAG C . 3.82 19.21 -15.96
C8 NAG C . 3.59 20.39 -15.07
N2 NAG C . 2.98 18.19 -15.82
O3 NAG C . 2.73 18.21 -18.65
O4 NAG C . 1.58 15.86 -19.88
O5 NAG C . 2.76 14.58 -16.63
O6 NAG C . 1.45 12.29 -17.68
O7 NAG C . 4.74 19.19 -16.78
H2 NAG C . 4.03 16.86 -16.87
H3 NAG C . 1.33 17.22 -17.68
H4 NAG C . 3.31 15.67 -19.00
H5 NAG C . 1.02 14.81 -17.55
H61 NAG C . 2.98 13.08 -18.63
H62 NAG C . 1.59 13.33 -19.35
H81 NAG C . 4.37 20.96 -15.07
H82 NAG C . 3.41 20.08 -14.16
H83 NAG C . 2.81 20.89 -15.40
HN2 NAG C . 2.31 18.26 -15.21
HO3 NAG C . 3.02 17.95 -19.44
HO6 NAG C . 2.09 11.87 -17.25
C1 NAG C . 2.36 15.74 -21.10
C2 NAG C . 1.33 15.47 -22.21
C3 NAG C . 2.01 15.38 -23.58
C4 NAG C . 2.96 16.54 -23.82
C5 NAG C . 3.92 16.66 -22.66
C6 NAG C . 4.90 17.81 -22.80
C7 NAG C . -0.60 14.22 -21.32
C8 NAG C . -1.17 12.86 -21.09
N2 NAG C . 0.60 14.24 -21.92
O3 NAG C . 0.99 15.35 -24.57
O4 NAG C . 3.69 16.32 -25.03
O5 NAG C . 3.16 16.90 -21.46
O6 NAG C . 4.27 19.07 -22.75
O7 NAG C . -1.19 15.25 -21.00
H2 NAG C . 0.71 16.23 -22.26
H3 NAG C . 2.54 14.55 -23.61
H4 NAG C . 2.45 17.37 -23.91
H5 NAG C . 4.43 15.85 -22.56
H61 NAG C . 5.36 17.72 -23.67
H62 NAG C . 5.57 17.75 -22.08
H81 NAG C . -2.06 12.95 -20.70
H82 NAG C . -0.60 12.36 -20.47
H83 NAG C . -1.23 12.38 -21.94
HN2 NAG C . 0.98 13.46 -22.16
HO3 NAG C . 1.33 15.55 -25.36
HO6 NAG C . 3.45 18.98 -22.43
C1 NAG D . -21.59 10.15 -9.29
C2 NAG D . -21.79 11.57 -8.74
C3 NAG D . -23.09 12.24 -9.22
C4 NAG D . -23.93 11.49 -10.26
C5 NAG D . -23.45 10.09 -10.57
C6 NAG D . -23.89 9.61 -11.93
C7 NAG D . -20.99 12.32 -6.52
C8 NAG D . -21.13 12.15 -5.04
N2 NAG D . -21.77 11.55 -7.28
O3 NAG D . -22.77 13.53 -9.75
O4 NAG D . -25.27 11.41 -9.78
O5 NAG D . -22.02 10.10 -10.57
O6 NAG D . -23.25 10.35 -12.97
O7 NAG D . -20.21 13.12 -7.01
H2 NAG D . -21.06 12.11 -9.09
H3 NAG D . -23.66 12.27 -8.42
H4 NAG D . -23.85 11.99 -11.09
H5 NAG D . -23.77 9.46 -9.89
H61 NAG D . -24.86 9.72 -12.01
H62 NAG D . -23.66 8.67 -12.02
H81 NAG D . -20.64 12.86 -4.58
H82 NAG D . -20.77 11.28 -4.77
H83 NAG D . -22.08 12.20 -4.79
HN2 NAG D . -22.33 10.95 -6.85
HO3 NAG D . -23.50 13.98 -10.01
HO4 NAG D . -25.86 11.58 -10.41
HO6 NAG D . -22.53 10.74 -12.65
C1 NAG E . -10.78 -13.85 -10.81
C2 NAG E . -10.32 -14.70 -11.99
C3 NAG E . -11.51 -15.40 -12.67
C4 NAG E . -12.39 -16.10 -11.65
C5 NAG E . -12.74 -15.13 -10.52
C6 NAG E . -13.54 -15.76 -9.41
C7 NAG E . -8.26 -13.79 -12.97
C8 NAG E . -7.68 -12.89 -14.03
N2 NAG E . -9.60 -13.89 -12.95
O3 NAG E . -10.99 -16.33 -13.61
O4 NAG E . -13.60 -16.56 -12.24
O5 NAG E . -11.53 -14.64 -9.93
O6 NAG E . -12.88 -16.91 -8.89
O7 NAG E . -7.54 -14.39 -12.16
H2 NAG E . -9.73 -15.40 -11.65
H3 NAG E . -12.06 -14.73 -13.13
H4 NAG E . -11.90 -16.88 -11.29
H5 NAG E . -13.24 -14.39 -10.90
H61 NAG E . -14.42 -16.03 -9.76
H62 NAG E . -13.66 -15.12 -8.70
H81 NAG E . -8.02 -11.99 -13.91
H82 NAG E . -7.93 -13.23 -14.91
H83 NAG E . -6.70 -12.89 -13.95
HN2 NAG E . -10.07 -13.42 -13.58
HO3 NAG E . -11.64 -16.87 -13.88
HO6 NAG E . -13.35 -17.24 -8.23
C ACT F . -12.92 0.88 6.00
O ACT F . -12.58 1.54 4.99
OXT ACT F . -13.76 1.19 6.89
CH3 ACT F . -12.23 -0.49 6.22
H1 ACT F . -11.32 -0.35 6.56
H2 ACT F . -12.19 -0.97 5.38
H3 ACT F . -12.74 -1.00 6.86
O1 PG4 G . -21.07 -2.87 7.68
C1 PG4 G . -20.91 -4.03 6.88
C2 PG4 G . -19.63 -4.75 7.21
O2 PG4 G . -18.78 -4.76 6.07
C3 PG4 G . -17.41 -4.70 6.39
C4 PG4 G . -16.70 -3.82 5.41
O3 PG4 G . -16.97 -2.47 5.72
C5 PG4 G . -16.09 -1.62 4.99
C6 PG4 G . -16.21 -0.24 5.55
O4 PG4 G . -17.58 0.07 5.79
C7 PG4 G . -17.67 1.04 6.83
C8 PG4 G . -17.52 0.43 8.19
O5 PG4 G . -17.08 1.38 9.16
HO1 PG4 G . -21.89 -2.85 7.93
H11 PG4 G . -21.65 -4.62 7.04
H12 PG4 G . -20.89 -3.77 5.95
H21 PG4 G . -19.18 -4.30 7.94
H22 PG4 G . -19.83 -5.67 7.47
H31 PG4 G . -17.30 -4.34 7.29
H32 PG4 G . -17.03 -5.60 6.35
H41 PG4 G . -15.74 -3.97 5.46
H42 PG4 G . -17.01 -4.02 4.51
H51 PG4 G . -15.18 -1.93 5.07
H52 PG4 G . -16.35 -1.62 4.05
H61 PG4 G . -15.72 -0.19 6.38
H62 PG4 G . -15.84 0.40 4.92
H71 PG4 G . -16.98 1.71 6.70
H72 PG4 G . -18.54 1.47 6.77
H81 PG4 G . -18.37 0.08 8.48
H82 PG4 G . -16.87 -0.28 8.15
HO5 PG4 G . -16.65 0.95 9.76
#